data_8D4O
#
_entry.id   8D4O
#
_cell.length_a   37.623
_cell.length_b   48.091
_cell.length_c   55.161
_cell.angle_alpha   84.260
_cell.angle_beta   89.920
_cell.angle_gamma   72.960
#
_symmetry.space_group_name_H-M   'P 1'
#
loop_
_entity.id
_entity.type
_entity.pdbx_description
1 polymer 'Extracellular Adherence Protein'
2 non-polymer 'SODIUM ION'
3 water water
#
_entity_poly.entity_id   1
_entity_poly.type   'polypeptide(L)'
_entity_poly.pdbx_seq_one_letter_code
;GSTIQIPYTITVNGTSQNILSSLTFNKNQNISYKDIENKVKSVLYFNRGISDIDLRLSKQAEYTVHFKNGTKRVIDLKSG
IYTADLINTSDIKAISVNVD
;
_entity_poly.pdbx_strand_id   A,B,C,D
#
# COMPACT_ATOMS: atom_id res chain seq x y z
N SER A 2 3.46 -21.11 25.94
CA SER A 2 4.51 -20.96 24.94
C SER A 2 4.06 -20.10 23.77
N THR A 3 2.91 -19.46 23.92
CA THR A 3 2.38 -18.55 22.90
C THR A 3 2.23 -17.15 23.46
N ILE A 4 2.12 -16.19 22.54
CA ILE A 4 1.83 -14.80 22.84
C ILE A 4 0.77 -14.31 21.87
N GLN A 5 0.14 -13.21 22.23
CA GLN A 5 -0.79 -12.51 21.35
C GLN A 5 -0.09 -11.31 20.72
N ILE A 6 -0.27 -11.12 19.42
CA ILE A 6 0.19 -9.92 18.74
C ILE A 6 -1.04 -9.16 18.27
N PRO A 7 -1.30 -7.96 18.78
CA PRO A 7 -2.47 -7.20 18.36
C PRO A 7 -2.44 -6.90 16.87
N TYR A 8 -3.62 -6.87 16.27
CA TYR A 8 -3.74 -6.47 14.88
C TYR A 8 -5.00 -5.65 14.69
N THR A 9 -4.99 -4.86 13.63
CA THR A 9 -6.17 -4.14 13.16
C THR A 9 -6.27 -4.27 11.65
N ILE A 10 -7.50 -4.22 11.15
CA ILE A 10 -7.79 -4.31 9.72
C ILE A 10 -8.60 -3.09 9.32
N THR A 11 -8.15 -2.38 8.30
CA THR A 11 -8.91 -1.30 7.69
C THR A 11 -9.33 -1.75 6.30
N VAL A 12 -10.63 -1.92 6.11
CA VAL A 12 -11.19 -2.11 4.78
C VAL A 12 -11.98 -0.86 4.44
N ASN A 13 -13.16 -0.69 5.03
CA ASN A 13 -13.98 0.50 4.82
C ASN A 13 -14.11 1.38 6.06
N GLY A 14 -13.43 1.05 7.15
CA GLY A 14 -13.48 1.87 8.35
C GLY A 14 -14.49 1.41 9.37
N THR A 15 -14.11 1.44 10.64
CA THR A 15 -15.04 1.26 11.75
C THR A 15 -14.87 2.43 12.71
N SER A 16 -15.88 2.60 13.56
CA SER A 16 -15.82 3.59 14.63
C SER A 16 -15.53 2.92 15.97
N GLN A 17 -14.67 1.91 15.95
CA GLN A 17 -14.36 1.12 17.12
C GLN A 17 -12.86 0.94 17.25
N ASN A 18 -12.43 0.59 18.46
CA ASN A 18 -11.02 0.37 18.79
C ASN A 18 -10.96 -1.10 19.18
N ILE A 19 -10.88 -1.97 18.17
CA ILE A 19 -11.08 -3.40 18.37
C ILE A 19 -9.82 -4.03 18.95
N LEU A 20 -9.98 -4.80 20.03
CA LEU A 20 -8.85 -5.32 20.78
C LEU A 20 -8.45 -6.71 20.31
N SER A 21 -8.45 -6.92 18.99
CA SER A 21 -8.15 -8.22 18.38
C SER A 21 -6.66 -8.53 18.37
N SER A 22 -6.33 -9.81 18.40
CA SER A 22 -4.94 -10.23 18.36
C SER A 22 -4.83 -11.61 17.72
N LEU A 23 -3.63 -11.90 17.23
CA LEU A 23 -3.29 -13.20 16.65
C LEU A 23 -2.39 -13.98 17.59
N THR A 24 -2.56 -15.30 17.62
CA THR A 24 -1.74 -16.18 18.43
C THR A 24 -0.48 -16.55 17.64
N PHE A 25 0.68 -16.29 18.24
CA PHE A 25 1.97 -16.68 17.70
C PHE A 25 2.73 -17.47 18.75
N ASN A 26 3.71 -18.25 18.32
CA ASN A 26 4.65 -18.84 19.28
C ASN A 26 5.55 -17.76 19.86
N LYS A 27 5.85 -17.88 21.14
CA LYS A 27 6.69 -16.90 21.82
C LYS A 27 8.13 -16.99 21.35
N ASN A 28 8.74 -15.84 21.09
CA ASN A 28 10.18 -15.73 20.84
C ASN A 28 10.64 -16.65 19.72
N GLN A 29 9.92 -16.64 18.61
CA GLN A 29 10.18 -17.53 17.49
C GLN A 29 10.51 -16.68 16.27
N ASN A 30 11.51 -17.11 15.50
CA ASN A 30 11.78 -16.47 14.21
C ASN A 30 10.81 -17.01 13.17
N ILE A 31 10.16 -16.09 12.44
CA ILE A 31 9.18 -16.47 11.44
C ILE A 31 9.39 -15.61 10.20
N SER A 32 8.78 -16.03 9.10
CA SER A 32 8.94 -15.30 7.85
C SER A 32 7.75 -14.38 7.60
N TYR A 33 7.95 -13.43 6.69
CA TYR A 33 6.85 -12.59 6.26
C TYR A 33 5.78 -13.36 5.48
N LYS A 34 6.15 -14.50 4.89
CA LYS A 34 5.14 -15.37 4.30
C LYS A 34 4.26 -16.00 5.37
N ASP A 35 4.87 -16.44 6.49
CA ASP A 35 4.08 -16.97 7.61
C ASP A 35 3.08 -15.93 8.10
N ILE A 36 3.54 -14.69 8.28
CA ILE A 36 2.64 -13.65 8.74
C ILE A 36 1.55 -13.40 7.72
N GLU A 37 1.91 -13.42 6.42
CA GLU A 37 0.90 -13.21 5.38
C GLU A 37 -0.23 -14.23 5.47
N ASN A 38 0.11 -15.50 5.76
CA ASN A 38 -0.93 -16.53 5.89
C ASN A 38 -1.88 -16.22 7.03
N LYS A 39 -1.34 -15.76 8.17
CA LYS A 39 -2.20 -15.43 9.30
C LYS A 39 -3.07 -14.22 8.99
N VAL A 40 -2.50 -13.23 8.30
CA VAL A 40 -3.27 -12.05 7.88
C VAL A 40 -4.41 -12.45 6.94
N LYS A 41 -4.13 -13.34 5.98
CA LYS A 41 -5.18 -13.81 5.08
C LYS A 41 -6.29 -14.52 5.84
N SER A 42 -5.94 -15.28 6.89
CA SER A 42 -6.97 -15.99 7.65
C SER A 42 -7.91 -15.01 8.34
N VAL A 43 -7.35 -14.01 9.04
CA VAL A 43 -8.23 -13.08 9.75
C VAL A 43 -8.99 -12.18 8.77
N LEU A 44 -8.38 -11.82 7.63
CA LEU A 44 -9.13 -11.09 6.62
C LEU A 44 -10.37 -11.85 6.20
N TYR A 45 -10.23 -13.16 6.00
CA TYR A 45 -11.39 -13.93 5.54
C TYR A 45 -12.42 -14.09 6.65
N PHE A 46 -11.99 -14.55 7.82
CA PHE A 46 -12.95 -14.86 8.86
C PHE A 46 -13.54 -13.61 9.51
N ASN A 47 -12.76 -12.52 9.60
CA ASN A 47 -13.30 -11.33 10.26
C ASN A 47 -14.07 -10.46 9.28
N ARG A 48 -13.56 -10.30 8.07
CA ARG A 48 -14.09 -9.32 7.12
C ARG A 48 -14.65 -9.92 5.84
N GLY A 49 -14.57 -11.24 5.66
CA GLY A 49 -15.03 -11.85 4.43
C GLY A 49 -14.19 -11.55 3.23
N ILE A 50 -12.93 -11.15 3.43
CA ILE A 50 -12.03 -10.81 2.33
C ILE A 50 -11.24 -12.07 1.98
N SER A 51 -11.50 -12.61 0.79
CA SER A 51 -10.84 -13.82 0.31
C SER A 51 -9.60 -13.47 -0.51
N ASP A 52 -8.85 -14.50 -0.89
CA ASP A 52 -7.70 -14.28 -1.77
C ASP A 52 -8.14 -13.66 -3.08
N ILE A 53 -9.28 -14.11 -3.65
CA ILE A 53 -9.75 -13.51 -4.90
C ILE A 53 -10.10 -12.04 -4.69
N ASP A 54 -10.59 -11.68 -3.49
CA ASP A 54 -10.87 -10.27 -3.23
C ASP A 54 -9.58 -9.48 -3.18
N LEU A 55 -8.51 -10.06 -2.63
CA LEU A 55 -7.21 -9.40 -2.68
C LEU A 55 -6.69 -9.28 -4.11
N ARG A 56 -6.82 -10.36 -4.91
CA ARG A 56 -6.43 -10.28 -6.32
C ARG A 56 -7.14 -9.14 -7.03
N LEU A 57 -8.39 -8.89 -6.66
CA LEU A 57 -9.21 -7.90 -7.35
C LEU A 57 -9.19 -6.54 -6.68
N SER A 58 -8.50 -6.40 -5.55
CA SER A 58 -8.30 -5.11 -4.91
C SER A 58 -7.17 -4.37 -5.61
N LYS A 59 -7.27 -3.05 -5.66
CA LYS A 59 -6.21 -2.27 -6.32
C LYS A 59 -4.94 -2.21 -5.49
N GLN A 60 -5.06 -2.19 -4.17
CA GLN A 60 -3.91 -2.10 -3.29
C GLN A 60 -4.23 -2.78 -1.96
N ALA A 61 -3.25 -3.51 -1.43
CA ALA A 61 -3.40 -4.17 -0.15
C ALA A 61 -2.03 -4.41 0.46
N GLU A 62 -1.92 -4.19 1.77
CA GLU A 62 -0.66 -4.38 2.45
C GLU A 62 -0.93 -4.73 3.90
N TYR A 63 0.08 -5.30 4.54
CA TYR A 63 0.13 -5.31 5.99
C TYR A 63 1.45 -4.70 6.44
N THR A 64 1.43 -4.12 7.64
CA THR A 64 2.59 -3.45 8.21
C THR A 64 2.91 -4.11 9.55
N VAL A 65 4.14 -4.55 9.69
CA VAL A 65 4.64 -5.05 10.97
C VAL A 65 5.26 -3.86 11.71
N HIS A 66 4.73 -3.55 12.89
CA HIS A 66 5.23 -2.48 13.73
C HIS A 66 6.12 -3.12 14.78
N PHE A 67 7.40 -2.78 14.76
CA PHE A 67 8.34 -3.37 15.70
C PHE A 67 8.36 -2.59 17.02
N LYS A 68 8.79 -3.28 18.08
CA LYS A 68 8.88 -2.65 19.39
C LYS A 68 9.86 -1.49 19.39
N ASN A 69 10.86 -1.51 18.49
CA ASN A 69 11.85 -0.44 18.41
C ASN A 69 11.36 0.79 17.66
N GLY A 70 10.11 0.83 17.22
CA GLY A 70 9.56 1.99 16.55
C GLY A 70 9.67 1.97 15.04
N THR A 71 10.38 1.01 14.47
CA THR A 71 10.44 0.89 13.02
C THR A 71 9.32 -0.01 12.53
N LYS A 72 9.16 -0.05 11.21
CA LYS A 72 8.08 -0.78 10.57
C LYS A 72 8.59 -1.46 9.31
N ARG A 73 7.97 -2.58 8.95
CA ARG A 73 8.13 -3.11 7.61
C ARG A 73 6.78 -3.29 6.96
N VAL A 74 6.61 -2.71 5.76
CA VAL A 74 5.38 -2.82 5.00
C VAL A 74 5.54 -3.95 3.99
N ILE A 75 4.56 -4.85 3.95
CA ILE A 75 4.57 -5.97 3.00
C ILE A 75 3.39 -5.81 2.06
N ASP A 76 3.66 -5.74 0.76
CA ASP A 76 2.63 -5.66 -0.26
C ASP A 76 1.96 -7.03 -0.43
N LEU A 77 0.66 -7.09 -0.14
CA LEU A 77 -0.07 -8.36 -0.21
C LEU A 77 -0.33 -8.81 -1.64
N LYS A 78 -0.06 -7.97 -2.63
CA LYS A 78 -0.26 -8.31 -4.04
C LYS A 78 1.05 -8.46 -4.80
N SER A 79 2.16 -8.67 -4.09
CA SER A 79 3.45 -8.82 -4.73
C SER A 79 4.22 -9.94 -4.05
N GLY A 80 5.25 -10.45 -4.72
CA GLY A 80 6.05 -11.52 -4.16
C GLY A 80 6.87 -11.05 -2.98
N ILE A 81 7.20 -12.02 -2.13
CA ILE A 81 8.08 -11.83 -0.97
C ILE A 81 9.38 -12.56 -1.28
N TYR A 82 10.49 -11.82 -1.36
CA TYR A 82 11.76 -12.40 -1.76
C TYR A 82 12.85 -12.32 -0.73
N THR A 83 12.69 -11.51 0.31
CA THR A 83 13.68 -11.46 1.36
C THR A 83 13.76 -12.79 2.10
N ALA A 84 14.96 -13.16 2.51
CA ALA A 84 15.14 -14.32 3.37
C ALA A 84 15.11 -13.95 4.84
N ASP A 85 15.05 -12.65 5.17
CA ASP A 85 15.06 -12.22 6.55
C ASP A 85 13.90 -12.84 7.32
N LEU A 86 14.20 -13.40 8.48
CA LEU A 86 13.18 -13.79 9.44
C LEU A 86 13.12 -12.74 10.53
N ILE A 87 11.97 -12.65 11.19
CA ILE A 87 11.80 -11.70 12.28
C ILE A 87 11.29 -12.46 13.50
N ASN A 88 11.57 -11.92 14.69
CA ASN A 88 11.22 -12.60 15.93
C ASN A 88 9.87 -12.11 16.42
N THR A 89 8.98 -13.07 16.70
CA THR A 89 7.63 -12.72 17.19
C THR A 89 7.67 -11.84 18.43
N SER A 90 8.68 -11.99 19.29
CA SER A 90 8.73 -11.18 20.50
C SER A 90 9.27 -9.78 20.25
N ASP A 91 9.76 -9.48 19.04
CA ASP A 91 10.13 -8.13 18.67
C ASP A 91 9.01 -7.35 18.02
N ILE A 92 7.88 -8.01 17.74
CA ILE A 92 6.76 -7.38 17.04
C ILE A 92 5.83 -6.75 18.06
N LYS A 93 5.50 -5.48 17.86
CA LYS A 93 4.51 -4.82 18.70
C LYS A 93 3.08 -5.02 18.21
N ALA A 94 2.84 -4.87 16.92
CA ALA A 94 1.48 -4.96 16.40
C ALA A 94 1.55 -5.07 14.89
N ILE A 95 0.44 -5.48 14.28
CA ILE A 95 0.33 -5.62 12.83
C ILE A 95 -0.92 -4.87 12.37
N SER A 96 -0.77 -4.04 11.35
CA SER A 96 -1.93 -3.39 10.75
C SER A 96 -2.09 -3.84 9.30
N VAL A 97 -3.34 -3.89 8.85
CA VAL A 97 -3.68 -4.39 7.52
C VAL A 97 -4.57 -3.35 6.85
N ASN A 98 -4.31 -3.05 5.59
CA ASN A 98 -5.14 -2.10 4.85
C ASN A 98 -5.42 -2.66 3.47
N VAL A 99 -6.71 -2.79 3.14
CA VAL A 99 -7.16 -3.31 1.85
C VAL A 99 -8.10 -2.29 1.21
N ASP A 100 -7.87 -1.97 -0.05
CA ASP A 100 -8.78 -1.07 -0.76
C ASP A 100 -9.85 -1.76 -1.58
N SER B 2 28.87 11.55 -12.84
CA SER B 2 28.68 11.28 -11.42
C SER B 2 27.22 11.07 -11.04
N THR B 3 26.32 11.15 -12.03
CA THR B 3 24.92 10.81 -11.82
C THR B 3 24.54 9.54 -12.59
N ILE B 4 23.47 8.90 -12.13
CA ILE B 4 22.89 7.73 -12.77
C ILE B 4 21.39 7.94 -12.81
N GLN B 5 20.72 7.24 -13.73
CA GLN B 5 19.27 7.22 -13.79
C GLN B 5 18.73 5.98 -13.11
N ILE B 6 17.70 6.14 -12.29
CA ILE B 6 16.96 5.02 -11.72
C ILE B 6 15.57 5.02 -12.32
N PRO B 7 15.18 3.98 -13.06
CA PRO B 7 13.85 3.96 -13.69
C PRO B 7 12.75 3.96 -12.66
N TYR B 8 11.63 4.58 -13.01
CA TYR B 8 10.47 4.55 -12.12
C TYR B 8 9.20 4.41 -12.96
N THR B 9 8.14 3.93 -12.30
CA THR B 9 6.81 3.91 -12.89
C THR B 9 5.81 4.37 -11.84
N ILE B 10 4.71 4.97 -12.29
CA ILE B 10 3.64 5.42 -11.41
C ILE B 10 2.35 4.76 -11.86
N THR B 11 1.62 4.16 -10.91
CA THR B 11 0.29 3.65 -11.16
C THR B 11 -0.68 4.47 -10.33
N VAL B 12 -1.60 5.16 -11.01
CA VAL B 12 -2.66 5.90 -10.33
C VAL B 12 -3.96 5.28 -10.82
N ASN B 13 -4.32 5.58 -12.07
CA ASN B 13 -5.37 4.86 -12.76
C ASN B 13 -4.72 4.06 -13.88
N GLY B 14 -5.50 3.70 -14.90
CA GLY B 14 -4.96 2.91 -15.98
C GLY B 14 -3.99 3.67 -16.87
N THR B 15 -3.05 2.93 -17.44
CA THR B 15 -2.23 3.42 -18.54
C THR B 15 -1.84 2.21 -19.37
N SER B 16 -1.97 2.33 -20.70
CA SER B 16 -1.58 1.27 -21.62
C SER B 16 -0.23 1.56 -22.28
N GLN B 17 0.71 2.11 -21.51
CA GLN B 17 2.02 2.46 -22.03
C GLN B 17 3.09 1.83 -21.16
N ASN B 18 4.29 1.72 -21.71
CA ASN B 18 5.48 1.25 -21.01
C ASN B 18 6.46 2.42 -20.99
N ILE B 19 6.23 3.35 -20.07
CA ILE B 19 6.88 4.65 -20.10
C ILE B 19 8.31 4.51 -19.58
N LEU B 20 9.27 5.03 -20.34
CA LEU B 20 10.69 4.82 -20.03
C LEU B 20 11.29 5.91 -19.17
N SER B 21 10.54 6.29 -18.12
CA SER B 21 10.90 7.40 -17.24
C SER B 21 11.95 7.00 -16.20
N SER B 22 12.73 7.99 -15.77
CA SER B 22 13.72 7.74 -14.73
C SER B 22 14.00 9.00 -13.93
N LEU B 23 14.56 8.79 -12.74
CA LEU B 23 14.95 9.86 -11.84
C LEU B 23 16.47 9.96 -11.80
N THR B 24 16.99 11.19 -11.68
CA THR B 24 18.43 11.40 -11.57
C THR B 24 18.88 11.29 -10.12
N PHE B 25 19.89 10.46 -9.89
CA PHE B 25 20.51 10.27 -8.58
C PHE B 25 22.01 10.42 -8.70
N ASN B 26 22.67 10.72 -7.58
CA ASN B 26 24.12 10.66 -7.57
C ASN B 26 24.56 9.20 -7.50
N LYS B 27 25.63 8.89 -8.23
CA LYS B 27 26.12 7.52 -8.29
C LYS B 27 26.82 7.15 -6.98
N ASN B 28 26.61 5.92 -6.54
CA ASN B 28 27.35 5.36 -5.40
C ASN B 28 27.23 6.23 -4.15
N GLN B 29 26.01 6.65 -3.84
CA GLN B 29 25.77 7.56 -2.74
C GLN B 29 24.76 6.98 -1.76
N ASN B 30 25.03 7.15 -0.47
CA ASN B 30 24.07 6.74 0.55
C ASN B 30 22.95 7.76 0.60
N ILE B 31 21.71 7.29 0.58
CA ILE B 31 20.54 8.16 0.62
C ILE B 31 19.48 7.54 1.52
N SER B 32 18.58 8.38 2.00
CA SER B 32 17.53 7.96 2.89
C SER B 32 16.22 7.73 2.12
N TYR B 33 15.33 6.96 2.73
CA TYR B 33 13.99 6.81 2.19
C TYR B 33 13.21 8.12 2.20
N LYS B 34 13.56 9.06 3.08
CA LYS B 34 12.96 10.39 3.03
C LYS B 34 13.38 11.14 1.77
N ASP B 35 14.67 11.05 1.40
CA ASP B 35 15.16 11.66 0.17
C ASP B 35 14.41 11.13 -1.04
N ILE B 36 14.25 9.81 -1.11
CA ILE B 36 13.55 9.20 -2.24
C ILE B 36 12.09 9.67 -2.24
N GLU B 37 11.46 9.73 -1.06
CA GLU B 37 10.08 10.18 -0.98
C GLU B 37 9.90 11.57 -1.59
N ASN B 38 10.86 12.48 -1.37
CA ASN B 38 10.75 13.82 -1.94
C ASN B 38 10.77 13.78 -3.46
N LYS B 39 11.62 12.92 -4.04
CA LYS B 39 11.69 12.81 -5.49
C LYS B 39 10.41 12.20 -6.04
N VAL B 40 9.89 11.19 -5.35
CA VAL B 40 8.62 10.58 -5.74
C VAL B 40 7.50 11.60 -5.71
N LYS B 41 7.48 12.46 -4.69
CA LYS B 41 6.44 13.47 -4.61
C LYS B 41 6.53 14.45 -5.78
N SER B 42 7.76 14.79 -6.19
CA SER B 42 7.91 15.75 -7.29
C SER B 42 7.35 15.19 -8.60
N VAL B 43 7.69 13.94 -8.93
CA VAL B 43 7.21 13.35 -10.18
C VAL B 43 5.72 13.05 -10.10
N LEU B 44 5.19 12.71 -8.91
CA LEU B 44 3.75 12.53 -8.80
C LEU B 44 3.01 13.80 -9.18
N TYR B 45 3.52 14.95 -8.73
CA TYR B 45 2.83 16.20 -9.01
C TYR B 45 2.97 16.60 -10.48
N PHE B 46 4.19 16.61 -11.00
CA PHE B 46 4.39 17.11 -12.36
C PHE B 46 3.91 16.13 -13.41
N ASN B 47 4.00 14.82 -13.15
CA ASN B 47 3.60 13.86 -14.18
C ASN B 47 2.12 13.55 -14.11
N ARG B 48 1.53 13.49 -12.91
CA ARG B 48 0.16 13.01 -12.75
C ARG B 48 -0.76 14.00 -12.04
N GLY B 49 -0.27 15.18 -11.66
CA GLY B 49 -1.09 16.13 -10.94
C GLY B 49 -1.47 15.71 -9.54
N ILE B 50 -0.68 14.84 -8.91
CA ILE B 50 -1.01 14.32 -7.59
C ILE B 50 -0.16 15.11 -6.59
N SER B 51 -0.82 15.98 -5.82
CA SER B 51 -0.20 16.84 -4.84
C SER B 51 -0.15 16.13 -3.47
N ASP B 52 0.53 16.76 -2.51
CA ASP B 52 0.56 16.20 -1.16
C ASP B 52 -0.86 16.09 -0.59
N ILE B 53 -1.71 17.09 -0.83
CA ILE B 53 -3.07 17.00 -0.32
C ILE B 53 -3.82 15.84 -0.97
N ASP B 54 -3.52 15.55 -2.24
CA ASP B 54 -4.14 14.39 -2.89
C ASP B 54 -3.70 13.10 -2.21
N LEU B 55 -2.42 13.02 -1.83
CA LEU B 55 -1.94 11.87 -1.06
C LEU B 55 -2.63 11.79 0.31
N ARG B 56 -2.74 12.94 1.00
CA ARG B 56 -3.44 12.97 2.29
C ARG B 56 -4.85 12.42 2.18
N LEU B 57 -5.53 12.68 1.06
CA LEU B 57 -6.91 12.30 0.88
C LEU B 57 -7.07 10.99 0.12
N SER B 58 -5.96 10.35 -0.26
CA SER B 58 -6.01 9.01 -0.85
C SER B 58 -6.05 7.98 0.28
N LYS B 59 -6.71 6.86 0.01
CA LYS B 59 -6.79 5.83 1.05
C LYS B 59 -5.47 5.09 1.24
N GLN B 60 -4.73 4.85 0.17
CA GLN B 60 -3.45 4.16 0.28
C GLN B 60 -2.48 4.70 -0.75
N ALA B 61 -1.21 4.79 -0.37
CA ALA B 61 -0.19 5.26 -1.29
C ALA B 61 1.17 4.74 -0.82
N GLU B 62 1.96 4.22 -1.74
CA GLU B 62 3.27 3.70 -1.38
C GLU B 62 4.21 3.82 -2.55
N TYR B 63 5.49 3.79 -2.26
CA TYR B 63 6.49 3.52 -3.27
C TYR B 63 7.32 2.32 -2.84
N THR B 64 7.79 1.58 -3.82
CA THR B 64 8.58 0.37 -3.59
C THR B 64 9.93 0.54 -4.23
N VAL B 65 10.99 0.36 -3.46
CA VAL B 65 12.36 0.33 -3.97
C VAL B 65 12.67 -1.13 -4.32
N HIS B 66 12.96 -1.38 -5.60
CA HIS B 66 13.37 -2.70 -6.06
C HIS B 66 14.89 -2.70 -6.10
N PHE B 67 15.51 -3.58 -5.32
CA PHE B 67 16.96 -3.65 -5.28
C PHE B 67 17.50 -4.59 -6.35
N LYS B 68 18.76 -4.38 -6.72
CA LYS B 68 19.38 -5.24 -7.72
C LYS B 68 19.45 -6.68 -7.26
N ASN B 69 19.45 -6.93 -5.96
CA ASN B 69 19.52 -8.30 -5.45
C ASN B 69 18.16 -9.00 -5.44
N GLY B 70 17.11 -8.38 -5.99
CA GLY B 70 15.82 -9.01 -6.10
C GLY B 70 14.89 -8.78 -4.92
N THR B 71 15.36 -8.16 -3.86
CA THR B 71 14.50 -7.85 -2.74
C THR B 71 13.91 -6.44 -2.91
N LYS B 72 12.96 -6.13 -2.05
CA LYS B 72 12.19 -4.89 -2.16
C LYS B 72 11.97 -4.29 -0.79
N ARG B 73 11.90 -2.97 -0.74
CA ARG B 73 11.41 -2.26 0.44
C ARG B 73 10.22 -1.39 0.03
N VAL B 74 9.07 -1.63 0.65
CA VAL B 74 7.87 -0.82 0.42
C VAL B 74 7.82 0.27 1.48
N ILE B 75 7.63 1.50 1.04
CA ILE B 75 7.53 2.66 1.93
C ILE B 75 6.13 3.25 1.81
N ASP B 76 5.44 3.32 2.93
CA ASP B 76 4.09 3.90 3.00
C ASP B 76 4.21 5.43 2.91
N LEU B 77 3.61 6.01 1.87
CA LEU B 77 3.67 7.45 1.66
C LEU B 77 2.78 8.21 2.62
N LYS B 78 1.94 7.52 3.40
CA LYS B 78 1.01 8.13 4.34
C LYS B 78 1.37 7.80 5.79
N SER B 79 2.60 7.39 6.05
CA SER B 79 3.04 7.07 7.40
C SER B 79 4.46 7.61 7.59
N GLY B 80 4.87 7.72 8.84
CA GLY B 80 6.21 8.18 9.12
C GLY B 80 7.27 7.17 8.71
N ILE B 81 8.47 7.68 8.48
CA ILE B 81 9.65 6.87 8.19
C ILE B 81 10.57 6.98 9.39
N TYR B 82 10.83 5.86 10.06
CA TYR B 82 11.59 5.89 11.31
C TYR B 82 12.90 5.11 11.27
N THR B 83 13.12 4.28 10.28
CA THR B 83 14.41 3.60 10.18
C THR B 83 15.51 4.63 9.98
N ALA B 84 16.69 4.33 10.51
CA ALA B 84 17.85 5.17 10.29
C ALA B 84 18.72 4.67 9.14
N ASP B 85 18.43 3.48 8.62
CA ASP B 85 19.29 2.88 7.61
C ASP B 85 19.24 3.67 6.32
N LEU B 86 20.41 3.85 5.71
CA LEU B 86 20.55 4.43 4.40
C LEU B 86 20.83 3.33 3.40
N ILE B 87 20.53 3.59 2.13
CA ILE B 87 20.80 2.66 1.05
C ILE B 87 21.66 3.34 0.00
N ASN B 88 22.40 2.54 -0.75
CA ASN B 88 23.30 3.04 -1.80
C ASN B 88 22.55 3.12 -3.12
N THR B 89 22.60 4.30 -3.76
CA THR B 89 21.86 4.50 -5.01
C THR B 89 22.23 3.48 -6.07
N SER B 90 23.47 3.00 -6.07
CA SER B 90 23.93 2.04 -7.07
C SER B 90 23.43 0.62 -6.81
N ASP B 91 22.80 0.37 -5.66
CA ASP B 91 22.17 -0.91 -5.38
C ASP B 91 20.70 -0.95 -5.78
N ILE B 92 20.13 0.19 -6.19
CA ILE B 92 18.72 0.29 -6.54
C ILE B 92 18.55 -0.06 -8.01
N LYS B 93 17.62 -0.97 -8.30
CA LYS B 93 17.27 -1.30 -9.68
C LYS B 93 16.19 -0.39 -10.24
N ALA B 94 15.12 -0.15 -9.49
CA ALA B 94 13.99 0.60 -10.02
C ALA B 94 13.09 0.97 -8.85
N ILE B 95 12.17 1.89 -9.11
CA ILE B 95 11.21 2.36 -8.11
C ILE B 95 9.83 2.34 -8.73
N SER B 96 8.86 1.79 -8.00
CA SER B 96 7.47 1.82 -8.45
C SER B 96 6.63 2.55 -7.40
N VAL B 97 5.61 3.26 -7.89
CA VAL B 97 4.77 4.11 -7.06
C VAL B 97 3.32 3.72 -7.33
N ASN B 98 2.52 3.53 -6.28
CA ASN B 98 1.12 3.18 -6.44
C ASN B 98 0.28 4.04 -5.52
N VAL B 99 -0.69 4.75 -6.09
CA VAL B 99 -1.59 5.62 -5.33
C VAL B 99 -3.03 5.23 -5.65
N ASP B 100 -3.86 5.12 -4.62
CA ASP B 100 -5.29 4.89 -4.85
C ASP B 100 -6.17 6.14 -4.63
N SER C 2 -18.25 5.86 -1.23
CA SER C 2 -19.07 6.18 -0.06
C SER C 2 -18.22 6.45 1.17
N THR C 3 -16.90 6.36 1.05
CA THR C 3 -16.00 6.73 2.14
C THR C 3 -15.14 7.92 1.73
N ILE C 4 -14.61 8.59 2.74
CA ILE C 4 -13.68 9.68 2.55
C ILE C 4 -12.53 9.52 3.55
N GLN C 5 -11.41 10.15 3.24
CA GLN C 5 -10.27 10.21 4.14
C GLN C 5 -10.28 11.54 4.87
N ILE C 6 -10.05 11.50 6.19
CA ILE C 6 -9.86 12.70 6.99
C ILE C 6 -8.42 12.71 7.49
N PRO C 7 -7.62 13.69 7.08
CA PRO C 7 -6.23 13.74 7.55
C PRO C 7 -6.14 13.87 9.06
N TYR C 8 -5.13 13.25 9.63
CA TYR C 8 -4.85 13.43 11.04
C TYR C 8 -3.35 13.53 11.26
N THR C 9 -2.99 14.12 12.41
CA THR C 9 -1.62 14.12 12.88
C THR C 9 -1.61 13.84 14.38
N ILE C 10 -0.54 13.20 14.84
CA ILE C 10 -0.35 12.89 16.25
C ILE C 10 0.95 13.54 16.71
N THR C 11 0.88 14.26 17.82
CA THR C 11 2.06 14.79 18.49
C THR C 11 2.18 14.07 19.81
N VAL C 12 3.23 13.26 19.96
CA VAL C 12 3.59 12.71 21.25
C VAL C 12 4.93 13.35 21.62
N ASN C 13 5.98 12.92 20.92
CA ASN C 13 7.35 13.33 21.16
C ASN C 13 7.84 14.35 20.13
N GLY C 14 7.08 14.57 19.06
CA GLY C 14 7.55 15.40 17.98
C GLY C 14 8.24 14.60 16.89
N THR C 15 8.01 14.98 15.64
CA THR C 15 8.75 14.45 14.50
C THR C 15 9.17 15.61 13.62
N SER C 16 10.20 15.36 12.81
CA SER C 16 10.62 16.29 11.76
C SER C 16 10.03 15.93 10.42
N GLN C 17 8.80 15.41 10.39
CA GLN C 17 8.19 14.95 9.16
C GLN C 17 6.81 15.57 9.04
N ASN C 18 6.30 15.58 7.81
CA ASN C 18 4.96 16.09 7.51
C ASN C 18 4.19 14.87 6.99
N ILE C 19 3.67 14.09 7.92
CA ILE C 19 3.13 12.77 7.61
C ILE C 19 1.73 12.90 7.03
N LEU C 20 1.50 12.23 5.90
CA LEU C 20 0.25 12.39 5.15
C LEU C 20 -0.79 11.34 5.51
N SER C 21 -0.91 11.06 6.81
CA SER C 21 -1.81 10.04 7.32
C SER C 21 -3.27 10.50 7.32
N SER C 22 -4.17 9.54 7.20
CA SER C 22 -5.60 9.86 7.23
C SER C 22 -6.39 8.67 7.77
N LEU C 23 -7.60 8.97 8.25
CA LEU C 23 -8.55 7.98 8.74
C LEU C 23 -9.70 7.84 7.75
N THR C 24 -10.23 6.63 7.63
CA THR C 24 -11.36 6.37 6.73
C THR C 24 -12.67 6.59 7.49
N PHE C 25 -13.55 7.40 6.92
CA PHE C 25 -14.88 7.66 7.49
C PHE C 25 -15.91 7.47 6.39
N ASN C 26 -17.15 7.23 6.79
CA ASN C 26 -18.23 7.29 5.81
C ASN C 26 -18.50 8.74 5.42
N LYS C 27 -18.82 8.96 4.14
CA LYS C 27 -19.02 10.30 3.63
C LYS C 27 -20.39 10.83 4.07
N ASN C 28 -20.43 12.11 4.47
CA ASN C 28 -21.70 12.80 4.73
C ASN C 28 -22.50 12.10 5.83
N GLN C 29 -21.83 11.67 6.89
CA GLN C 29 -22.47 10.95 7.98
C GLN C 29 -22.31 11.75 9.26
N ASN C 30 -23.37 11.80 10.07
CA ASN C 30 -23.30 12.44 11.37
C ASN C 30 -22.83 11.43 12.41
N ILE C 31 -21.73 11.76 13.08
CA ILE C 31 -21.09 10.85 14.02
C ILE C 31 -20.79 11.62 15.31
N SER C 32 -20.52 10.86 16.36
CA SER C 32 -20.30 11.45 17.67
C SER C 32 -18.83 11.64 17.95
N TYR C 33 -18.55 12.49 18.93
CA TYR C 33 -17.20 12.66 19.43
C TYR C 33 -16.68 11.38 20.09
N LYS C 34 -17.57 10.54 20.60
CA LYS C 34 -17.15 9.23 21.12
C LYS C 34 -16.68 8.33 19.99
N ASP C 35 -17.39 8.34 18.86
CA ASP C 35 -16.95 7.57 17.69
C ASP C 35 -15.57 8.00 17.25
N ILE C 36 -15.35 9.31 17.15
CA ILE C 36 -14.04 9.81 16.73
C ILE C 36 -12.98 9.43 17.75
N GLU C 37 -13.33 9.51 19.05
CA GLU C 37 -12.39 9.10 20.09
C GLU C 37 -11.90 7.67 19.89
N ASN C 38 -12.79 6.76 19.51
CA ASN C 38 -12.37 5.38 19.28
C ASN C 38 -11.37 5.29 18.14
N LYS C 39 -11.58 6.04 17.07
CA LYS C 39 -10.66 6.00 15.95
C LYS C 39 -9.31 6.59 16.33
N VAL C 40 -9.33 7.66 17.13
CA VAL C 40 -8.10 8.26 17.63
C VAL C 40 -7.33 7.28 18.49
N LYS C 41 -8.03 6.55 19.37
CA LYS C 41 -7.34 5.57 20.22
C LYS C 41 -6.71 4.48 19.38
N SER C 42 -7.37 4.08 18.30
CA SER C 42 -6.82 3.02 17.46
C SER C 42 -5.52 3.46 16.80
N VAL C 43 -5.51 4.65 16.19
CA VAL C 43 -4.28 5.12 15.56
C VAL C 43 -3.21 5.45 16.59
N LEU C 44 -3.58 5.94 17.78
CA LEU C 44 -2.57 6.15 18.82
C LEU C 44 -1.87 4.85 19.16
N TYR C 45 -2.62 3.74 19.26
CA TYR C 45 -1.99 2.49 19.64
C TYR C 45 -1.13 1.94 18.50
N PHE C 46 -1.69 1.84 17.30
CA PHE C 46 -0.97 1.17 16.22
C PHE C 46 0.16 2.04 15.66
N ASN C 47 0.01 3.36 15.65
CA ASN C 47 1.06 4.21 15.09
C ASN C 47 2.15 4.52 16.10
N ARG C 48 1.77 4.78 17.35
CA ARG C 48 2.72 5.29 18.35
C ARG C 48 2.87 4.38 19.56
N GLY C 49 2.16 3.26 19.63
CA GLY C 49 2.24 2.43 20.81
C GLY C 49 1.61 3.01 22.06
N ILE C 50 0.67 3.94 21.91
CA ILE C 50 0.02 4.62 23.03
C ILE C 50 -1.29 3.89 23.31
N SER C 51 -1.34 3.17 24.43
CA SER C 51 -2.49 2.38 24.83
C SER C 51 -3.43 3.20 25.72
N ASP C 52 -4.58 2.61 26.05
CA ASP C 52 -5.50 3.25 27.00
C ASP C 52 -4.79 3.54 28.32
N ILE C 53 -4.01 2.59 28.81
CA ILE C 53 -3.36 2.79 30.10
C ILE C 53 -2.33 3.91 30.01
N ASP C 54 -1.66 4.04 28.85
CA ASP C 54 -0.75 5.16 28.66
C ASP C 54 -1.50 6.48 28.74
N LEU C 55 -2.71 6.54 28.17
CA LEU C 55 -3.53 7.75 28.28
C LEU C 55 -3.96 8.01 29.72
N ARG C 56 -4.38 6.96 30.44
CA ARG C 56 -4.73 7.11 31.86
C ARG C 56 -3.58 7.68 32.66
N LEU C 57 -2.35 7.30 32.31
CA LEU C 57 -1.18 7.71 33.06
C LEU C 57 -0.51 8.95 32.51
N SER C 58 -1.01 9.49 31.40
CA SER C 58 -0.53 10.75 30.85
C SER C 58 -1.19 11.89 31.59
N LYS C 59 -0.45 12.98 31.76
CA LYS C 59 -1.01 14.13 32.49
C LYS C 59 -2.06 14.88 31.67
N GLN C 60 -1.92 14.90 30.35
CA GLN C 60 -2.84 15.68 29.54
C GLN C 60 -2.89 15.11 28.13
N ALA C 61 -4.10 14.97 27.58
CA ALA C 61 -4.26 14.42 26.25
C ALA C 61 -5.57 14.94 25.64
N GLU C 62 -5.53 15.28 24.35
CA GLU C 62 -6.71 15.81 23.68
C GLU C 62 -6.61 15.48 22.20
N TYR C 63 -7.76 15.51 21.53
CA TYR C 63 -7.79 15.62 20.09
C TYR C 63 -8.60 16.84 19.71
N THR C 64 -8.29 17.43 18.57
CA THR C 64 -8.96 18.62 18.08
C THR C 64 -9.53 18.31 16.71
N VAL C 65 -10.83 18.55 16.55
CA VAL C 65 -11.49 18.49 15.25
C VAL C 65 -11.39 19.89 14.63
N HIS C 66 -10.72 19.98 13.48
CA HIS C 66 -10.66 21.22 12.71
C HIS C 66 -11.74 21.15 11.64
N PHE C 67 -12.69 22.07 11.68
CA PHE C 67 -13.79 22.07 10.73
C PHE C 67 -13.44 22.87 9.49
N LYS C 68 -14.15 22.59 8.40
CA LYS C 68 -13.86 23.29 7.16
C LYS C 68 -14.17 24.77 7.23
N ASN C 69 -15.03 25.20 8.15
CA ASN C 69 -15.36 26.61 8.33
C ASN C 69 -14.34 27.38 9.16
N GLY C 70 -13.23 26.75 9.55
CA GLY C 70 -12.18 27.42 10.28
C GLY C 70 -12.28 27.33 11.79
N THR C 71 -13.37 26.77 12.31
CA THR C 71 -13.50 26.62 13.76
C THR C 71 -12.99 25.25 14.17
N LYS C 72 -12.89 25.06 15.49
CA LYS C 72 -12.33 23.85 16.07
C LYS C 72 -13.16 23.45 17.29
N ARG C 73 -13.16 22.15 17.56
CA ARG C 73 -13.64 21.61 18.83
C ARG C 73 -12.54 20.74 19.41
N VAL C 74 -12.12 21.06 20.64
CA VAL C 74 -11.12 20.30 21.36
C VAL C 74 -11.85 19.32 22.28
N ILE C 75 -11.46 18.05 22.25
CA ILE C 75 -12.06 17.03 23.10
C ILE C 75 -10.97 16.51 24.02
N ASP C 76 -11.24 16.54 25.32
CA ASP C 76 -10.29 16.07 26.35
C ASP C 76 -10.36 14.54 26.39
N LEU C 77 -9.25 13.88 26.07
CA LEU C 77 -9.20 12.43 26.01
C LEU C 77 -9.24 11.78 27.39
N LYS C 78 -9.13 12.57 28.45
CA LYS C 78 -9.15 12.06 29.81
C LYS C 78 -10.36 12.54 30.60
N SER C 79 -11.44 12.92 29.92
CA SER C 79 -12.64 13.36 30.60
C SER C 79 -13.85 12.83 29.83
N GLY C 80 -15.01 12.85 30.49
CA GLY C 80 -16.20 12.36 29.84
C GLY C 80 -16.65 13.25 28.70
N ILE C 81 -17.42 12.65 27.81
CA ILE C 81 -18.06 13.36 26.70
C ILE C 81 -19.56 13.32 26.96
N TYR C 82 -20.16 14.49 27.14
CA TYR C 82 -21.56 14.56 27.52
C TYR C 82 -22.46 15.24 26.51
N THR C 83 -21.91 16.04 25.60
CA THR C 83 -22.74 16.61 24.56
C THR C 83 -23.38 15.51 23.73
N ALA C 84 -24.59 15.78 23.26
CA ALA C 84 -25.27 14.91 22.32
C ALA C 84 -25.04 15.34 20.88
N ASP C 85 -24.33 16.44 20.66
CA ASP C 85 -24.14 16.95 19.31
C ASP C 85 -23.40 15.95 18.44
N LEU C 86 -23.91 15.73 17.24
CA LEU C 86 -23.21 14.96 16.22
C LEU C 86 -22.63 15.91 15.19
N ILE C 87 -21.55 15.48 14.54
CA ILE C 87 -20.91 16.30 13.52
C ILE C 87 -20.82 15.51 12.22
N ASN C 88 -20.79 16.23 11.11
CA ASN C 88 -20.79 15.60 9.78
C ASN C 88 -19.37 15.35 9.30
N THR C 89 -19.09 14.10 8.93
CA THR C 89 -17.75 13.72 8.50
C THR C 89 -17.25 14.58 7.33
N SER C 90 -18.15 15.02 6.45
CA SER C 90 -17.76 15.83 5.29
C SER C 90 -17.43 17.28 5.66
N ASP C 91 -17.76 17.71 6.88
CA ASP C 91 -17.44 19.06 7.35
C ASP C 91 -16.14 19.12 8.13
N ILE C 92 -15.51 17.98 8.38
CA ILE C 92 -14.25 17.91 9.13
C ILE C 92 -13.11 18.07 8.13
N LYS C 93 -12.26 19.08 8.37
CA LYS C 93 -11.07 19.26 7.55
C LYS C 93 -9.93 18.33 7.99
N ALA C 94 -9.69 18.20 9.29
CA ALA C 94 -8.54 17.46 9.78
C ALA C 94 -8.72 17.25 11.29
N ILE C 95 -7.96 16.29 11.82
CA ILE C 95 -7.97 15.99 13.25
C ILE C 95 -6.52 15.99 13.74
N SER C 96 -6.27 16.70 14.84
CA SER C 96 -4.96 16.65 15.47
C SER C 96 -5.07 16.04 16.85
N VAL C 97 -4.01 15.36 17.29
CA VAL C 97 -3.99 14.67 18.57
C VAL C 97 -2.71 15.07 19.30
N ASN C 98 -2.81 15.37 20.59
CA ASN C 98 -1.63 15.72 21.37
C ASN C 98 -1.68 15.00 22.70
N VAL C 99 -0.64 14.21 22.99
CA VAL C 99 -0.53 13.45 24.24
C VAL C 99 0.79 13.79 24.92
N ASP C 100 0.73 14.14 26.20
CA ASP C 100 1.96 14.41 26.93
C ASP C 100 2.52 13.20 27.70
N SER D 2 -14.41 3.50 -12.10
CA SER D 2 -14.46 3.23 -13.53
C SER D 2 -13.38 2.23 -13.97
N THR D 3 -12.46 1.90 -13.06
CA THR D 3 -11.41 0.93 -13.34
C THR D 3 -11.70 -0.41 -12.66
N ILE D 4 -10.99 -1.44 -13.13
CA ILE D 4 -11.11 -2.79 -12.59
C ILE D 4 -9.73 -3.40 -12.57
N GLN D 5 -9.52 -4.37 -11.68
CA GLN D 5 -8.27 -5.13 -11.61
C GLN D 5 -8.40 -6.41 -12.41
N ILE D 6 -7.41 -6.70 -13.24
CA ILE D 6 -7.33 -7.98 -13.95
C ILE D 6 -6.12 -8.74 -13.38
N PRO D 7 -6.33 -9.86 -12.69
CA PRO D 7 -5.19 -10.61 -12.13
C PRO D 7 -4.23 -11.05 -13.21
N TYR D 8 -2.96 -11.09 -12.85
CA TYR D 8 -1.95 -11.62 -13.74
C TYR D 8 -0.91 -12.41 -12.95
N THR D 9 -0.19 -13.28 -13.66
CA THR D 9 0.94 -13.99 -13.11
C THR D 9 2.05 -14.04 -14.14
N ILE D 10 3.29 -14.07 -13.66
CA ILE D 10 4.47 -14.13 -14.52
C ILE D 10 5.26 -15.38 -14.16
N THR D 11 5.64 -16.14 -15.18
CA THR D 11 6.54 -17.28 -15.01
C THR D 11 7.82 -16.97 -15.78
N VAL D 12 8.92 -16.82 -15.06
CA VAL D 12 10.23 -16.69 -15.70
C VAL D 12 11.06 -17.90 -15.28
N ASN D 13 11.48 -17.94 -14.02
CA ASN D 13 12.22 -19.09 -13.50
C ASN D 13 11.50 -19.83 -12.39
N GLY D 14 10.28 -19.45 -12.06
CA GLY D 14 9.50 -20.15 -11.05
C GLY D 14 9.55 -19.54 -9.66
N THR D 15 8.42 -19.51 -8.99
CA THR D 15 8.34 -19.15 -7.58
C THR D 15 7.53 -20.22 -6.87
N SER D 16 7.68 -20.28 -5.55
CA SER D 16 6.83 -21.11 -4.70
C SER D 16 5.75 -20.30 -4.03
N GLN D 17 5.21 -19.31 -4.74
CA GLN D 17 4.23 -18.38 -4.19
C GLN D 17 3.01 -18.35 -5.10
N ASN D 18 1.91 -17.83 -4.55
CA ASN D 18 0.67 -17.63 -5.28
C ASN D 18 0.41 -16.13 -5.18
N ILE D 19 1.10 -15.36 -6.00
CA ILE D 19 1.15 -13.90 -5.87
C ILE D 19 -0.16 -13.31 -6.38
N LEU D 20 -0.78 -12.45 -5.58
CA LEU D 20 -2.11 -11.91 -5.88
C LEU D 20 -2.06 -10.58 -6.63
N SER D 21 -1.20 -10.54 -7.65
CA SER D 21 -0.95 -9.33 -8.43
C SER D 21 -2.05 -9.08 -9.47
N SER D 22 -2.26 -7.81 -9.80
CA SER D 22 -3.24 -7.46 -10.83
C SER D 22 -2.83 -6.19 -11.55
N LEU D 23 -3.42 -6.01 -12.74
CA LEU D 23 -3.26 -4.81 -13.55
C LEU D 23 -4.53 -3.98 -13.53
N THR D 24 -4.37 -2.65 -13.55
CA THR D 24 -5.51 -1.74 -13.59
C THR D 24 -5.90 -1.51 -15.04
N PHE D 25 -7.17 -1.76 -15.37
CA PHE D 25 -7.74 -1.51 -16.68
C PHE D 25 -8.99 -0.64 -16.50
N ASN D 26 -9.42 -0.01 -17.58
CA ASN D 26 -10.71 0.64 -17.58
C ASN D 26 -11.80 -0.40 -17.81
N LYS D 27 -12.90 -0.29 -17.07
CA LYS D 27 -14.03 -1.18 -17.30
C LYS D 27 -14.67 -0.90 -18.65
N ASN D 28 -15.21 -1.96 -19.25
CA ASN D 28 -16.09 -1.83 -20.43
C ASN D 28 -15.40 -1.15 -21.60
N GLN D 29 -14.10 -1.36 -21.75
CA GLN D 29 -13.31 -0.65 -22.75
C GLN D 29 -12.82 -1.63 -23.80
N ASN D 30 -12.98 -1.26 -25.07
CA ASN D 30 -12.41 -2.02 -26.17
C ASN D 30 -10.93 -1.65 -26.28
N ILE D 31 -10.06 -2.65 -26.18
CA ILE D 31 -8.62 -2.42 -26.18
C ILE D 31 -7.96 -3.41 -27.13
N SER D 32 -6.74 -3.09 -27.52
CA SER D 32 -5.99 -3.93 -28.43
C SER D 32 -5.02 -4.82 -27.66
N TYR D 33 -4.57 -5.88 -28.34
CA TYR D 33 -3.51 -6.72 -27.81
C TYR D 33 -2.18 -5.97 -27.72
N LYS D 34 -2.01 -4.90 -28.49
CA LYS D 34 -0.81 -4.08 -28.33
C LYS D 34 -0.86 -3.29 -27.02
N ASP D 35 -2.04 -2.76 -26.66
CA ASP D 35 -2.20 -2.10 -25.38
C ASP D 35 -1.87 -3.04 -24.23
N ILE D 36 -2.38 -4.27 -24.30
CA ILE D 36 -2.10 -5.25 -23.26
C ILE D 36 -0.61 -5.57 -23.22
N GLU D 37 0.02 -5.69 -24.39
CA GLU D 37 1.45 -5.98 -24.44
C GLU D 37 2.26 -4.92 -23.71
N ASN D 38 1.89 -3.64 -23.85
CA ASN D 38 2.61 -2.59 -23.14
C ASN D 38 2.51 -2.75 -21.63
N LYS D 39 1.31 -3.09 -21.13
CA LYS D 39 1.16 -3.31 -19.69
C LYS D 39 1.97 -4.49 -19.22
N VAL D 40 2.00 -5.56 -20.01
CA VAL D 40 2.78 -6.75 -19.69
C VAL D 40 4.27 -6.41 -19.65
N LYS D 41 4.75 -5.64 -20.63
CA LYS D 41 6.16 -5.25 -20.61
C LYS D 41 6.51 -4.45 -19.37
N SER D 42 5.59 -3.58 -18.91
CA SER D 42 5.88 -2.76 -17.74
C SER D 42 6.04 -3.64 -16.49
N VAL D 43 5.11 -4.56 -16.25
CA VAL D 43 5.24 -5.42 -15.07
C VAL D 43 6.41 -6.38 -15.19
N LEU D 44 6.71 -6.86 -16.40
CA LEU D 44 7.88 -7.71 -16.57
C LEU D 44 9.14 -7.00 -16.12
N TYR D 45 9.27 -5.71 -16.47
CA TYR D 45 10.48 -4.99 -16.11
C TYR D 45 10.51 -4.67 -14.62
N PHE D 46 9.43 -4.09 -14.08
CA PHE D 46 9.46 -3.64 -12.69
C PHE D 46 9.38 -4.81 -11.72
N ASN D 47 8.64 -5.88 -12.04
CA ASN D 47 8.52 -6.98 -11.10
C ASN D 47 9.72 -7.92 -11.19
N ARG D 48 10.18 -8.22 -12.40
CA ARG D 48 11.15 -9.28 -12.64
C ARG D 48 12.44 -8.82 -13.29
N GLY D 49 12.58 -7.53 -13.59
CA GLY D 49 13.78 -7.05 -14.25
C GLY D 49 13.93 -7.48 -15.68
N ILE D 50 12.85 -7.89 -16.34
CA ILE D 50 12.90 -8.36 -17.72
C ILE D 50 12.60 -7.18 -18.63
N SER D 51 13.62 -6.72 -19.36
CA SER D 51 13.53 -5.60 -20.27
C SER D 51 13.17 -6.09 -21.67
N ASP D 52 12.93 -5.14 -22.59
CA ASP D 52 12.65 -5.52 -23.97
C ASP D 52 13.85 -6.25 -24.57
N ILE D 53 15.07 -5.82 -24.23
CA ILE D 53 16.26 -6.51 -24.76
C ILE D 53 16.34 -7.94 -24.21
N ASP D 54 15.90 -8.15 -22.97
CA ASP D 54 15.83 -9.51 -22.45
C ASP D 54 14.84 -10.35 -23.23
N LEU D 55 13.70 -9.74 -23.62
CA LEU D 55 12.74 -10.44 -24.47
C LEU D 55 13.32 -10.72 -25.85
N ARG D 56 14.02 -9.75 -26.45
CA ARG D 56 14.67 -9.97 -27.74
C ARG D 56 15.61 -11.15 -27.70
N LEU D 57 16.30 -11.34 -26.57
CA LEU D 57 17.30 -12.37 -26.42
C LEU D 57 16.78 -13.66 -25.81
N SER D 58 15.49 -13.70 -25.45
CA SER D 58 14.85 -14.92 -24.99
C SER D 58 14.40 -15.74 -26.19
N LYS D 59 14.40 -17.06 -26.04
CA LYS D 59 13.99 -17.90 -27.17
C LYS D 59 12.48 -17.89 -27.38
N GLN D 60 11.69 -17.80 -26.31
CA GLN D 60 10.25 -17.74 -26.45
C GLN D 60 9.67 -16.87 -25.35
N ALA D 61 8.60 -16.14 -25.68
CA ALA D 61 7.92 -15.32 -24.69
C ALA D 61 6.51 -15.06 -25.16
N GLU D 62 5.53 -15.21 -24.27
CA GLU D 62 4.14 -14.99 -24.66
C GLU D 62 3.37 -14.50 -23.45
N TYR D 63 2.25 -13.87 -23.72
CA TYR D 63 1.23 -13.68 -22.71
C TYR D 63 -0.07 -14.30 -23.21
N THR D 64 -0.87 -14.79 -22.27
CA THR D 64 -2.13 -15.44 -22.58
C THR D 64 -3.26 -14.68 -21.90
N VAL D 65 -4.25 -14.29 -22.68
CA VAL D 65 -5.46 -13.67 -22.14
C VAL D 65 -6.46 -14.78 -21.90
N HIS D 66 -6.89 -14.94 -20.65
CA HIS D 66 -7.92 -15.90 -20.27
C HIS D 66 -9.26 -15.17 -20.25
N PHE D 67 -10.16 -15.55 -21.13
CA PHE D 67 -11.47 -14.92 -21.18
C PHE D 67 -12.43 -15.55 -20.19
N LYS D 68 -13.47 -14.79 -19.84
CA LYS D 68 -14.44 -15.27 -18.86
C LYS D 68 -15.19 -16.50 -19.36
N ASN D 69 -15.28 -16.69 -20.68
CA ASN D 69 -15.96 -17.85 -21.26
C ASN D 69 -15.09 -19.11 -21.32
N GLY D 70 -13.89 -19.07 -20.77
CA GLY D 70 -13.05 -20.25 -20.71
C GLY D 70 -12.10 -20.43 -21.87
N THR D 71 -12.19 -19.57 -22.89
CA THR D 71 -11.23 -19.63 -23.98
C THR D 71 -10.07 -18.69 -23.69
N LYS D 72 -9.02 -18.83 -24.50
CA LYS D 72 -7.78 -18.09 -24.33
C LYS D 72 -7.28 -17.61 -25.67
N ARG D 73 -6.56 -16.50 -25.64
CA ARG D 73 -5.75 -16.07 -26.79
C ARG D 73 -4.31 -15.90 -26.34
N VAL D 74 -3.40 -16.62 -26.99
CA VAL D 74 -1.97 -16.51 -26.73
C VAL D 74 -1.37 -15.50 -27.70
N ILE D 75 -0.64 -14.53 -27.17
CA ILE D 75 0.05 -13.51 -27.96
C ILE D 75 1.55 -13.71 -27.82
N ASP D 76 2.23 -13.88 -28.96
CA ASP D 76 3.67 -14.03 -29.00
C ASP D 76 4.31 -12.67 -28.79
N LEU D 77 5.07 -12.52 -27.70
CA LEU D 77 5.73 -11.27 -27.38
C LEU D 77 6.91 -10.97 -28.29
N LYS D 78 7.32 -11.91 -29.15
CA LYS D 78 8.44 -11.76 -30.07
C LYS D 78 7.99 -11.75 -31.52
N SER D 79 6.71 -11.53 -31.79
CA SER D 79 6.19 -11.47 -33.14
C SER D 79 5.26 -10.29 -33.26
N GLY D 80 5.01 -9.85 -34.48
CA GLY D 80 4.08 -8.77 -34.69
C GLY D 80 2.65 -9.16 -34.37
N ILE D 81 1.85 -8.13 -34.12
CA ILE D 81 0.41 -8.29 -33.88
C ILE D 81 -0.31 -7.65 -35.05
N TYR D 82 -1.11 -8.43 -35.77
CA TYR D 82 -1.76 -7.96 -36.98
C TYR D 82 -3.28 -8.04 -36.96
N THR D 83 -3.87 -8.70 -35.97
CA THR D 83 -5.32 -8.69 -35.88
C THR D 83 -5.83 -7.27 -35.65
N ALA D 84 -6.92 -6.93 -36.32
CA ALA D 84 -7.56 -5.64 -36.11
C ALA D 84 -8.70 -5.71 -35.09
N ASP D 85 -9.10 -6.91 -34.69
CA ASP D 85 -10.19 -7.05 -33.73
C ASP D 85 -9.74 -6.62 -32.34
N LEU D 86 -10.49 -5.70 -31.75
CA LEU D 86 -10.30 -5.32 -30.36
C LEU D 86 -11.06 -6.28 -29.47
N ILE D 87 -10.66 -6.33 -28.21
CA ILE D 87 -11.37 -7.10 -27.20
C ILE D 87 -11.80 -6.16 -26.09
N ASN D 88 -12.89 -6.50 -25.42
CA ASN D 88 -13.43 -5.65 -24.37
C ASN D 88 -12.94 -6.14 -23.02
N THR D 89 -12.44 -5.21 -22.21
CA THR D 89 -11.94 -5.57 -20.88
C THR D 89 -12.99 -6.30 -20.05
N SER D 90 -14.28 -6.09 -20.34
CA SER D 90 -15.34 -6.76 -19.61
C SER D 90 -15.37 -8.27 -19.85
N ASP D 91 -14.67 -8.75 -20.86
CA ASP D 91 -14.62 -10.18 -21.16
C ASP D 91 -13.35 -10.85 -20.63
N ILE D 92 -12.42 -10.08 -20.07
CA ILE D 92 -11.13 -10.61 -19.65
C ILE D 92 -11.20 -11.04 -18.19
N LYS D 93 -10.78 -12.27 -17.92
CA LYS D 93 -10.70 -12.79 -16.55
C LYS D 93 -9.29 -12.70 -15.95
N ALA D 94 -8.25 -13.03 -16.69
CA ALA D 94 -6.91 -13.02 -16.13
C ALA D 94 -5.90 -13.08 -17.27
N ILE D 95 -4.65 -12.74 -16.95
CA ILE D 95 -3.55 -12.76 -17.90
C ILE D 95 -2.39 -13.55 -17.31
N SER D 96 -1.80 -14.44 -18.09
CA SER D 96 -0.59 -15.13 -17.66
C SER D 96 0.53 -14.84 -18.64
N VAL D 97 1.76 -14.80 -18.14
CA VAL D 97 2.92 -14.40 -18.93
C VAL D 97 4.00 -15.44 -18.73
N ASN D 98 4.61 -15.91 -19.84
CA ASN D 98 5.63 -16.94 -19.77
C ASN D 98 6.83 -16.52 -20.61
N VAL D 99 7.99 -16.42 -19.98
CA VAL D 99 9.22 -16.04 -20.68
C VAL D 99 10.24 -17.14 -20.48
N ASP D 100 10.83 -17.61 -21.56
CA ASP D 100 11.84 -18.67 -21.50
C ASP D 100 13.03 -18.37 -22.39
#